data_4GQP
#
_entry.id   4GQP
#
_cell.length_a   34.516
_cell.length_b   65.265
_cell.length_c   48.483
_cell.angle_alpha   90.00
_cell.angle_beta   98.20
_cell.angle_gamma   90.00
#
_symmetry.space_group_name_H-M   'P 1 21 1'
#
loop_
_entity.id
_entity.type
_entity.pdbx_description
1 polymer 'Anti-METH scFv'
2 non-polymer (2S)-N-methyl-1-phenylpropan-2-amine
3 water water
#
_entity_poly.entity_id   1
_entity_poly.type   'polypeptide(L)'
_entity_poly.pdbx_seq_one_letter_code
;EVQLQESGPSLVKPSQTLSLTCSVTGDSVTSGYWSWIRQFPGNKLDYMGYISYRGSTYYNPSLKSRISITRDTSKNQVYL
QLKSVSSEDTATYYCTYFDSDDYAMEYWGQGTSVTVSGGGGSGGGGSGGGGSQIVLTQSPAIMSASPGEKVTLTCSASSS
VSSSHLYWYQQKPGSSPKLWIYSTSNLASGVPARFSGSGSGTSYSLTISSMEAEDAASYFCHQWSSFPFTFGSGTKLEIK
RAPHHHHHH
;
_entity_poly.pdbx_strand_id   H
#
# COMPACT_ATOMS: atom_id res chain seq x y z
N GLU A 1 3.76 6.51 -16.31
CA GLU A 1 4.81 7.50 -16.52
C GLU A 1 6.02 7.52 -15.55
N VAL A 2 5.91 6.82 -14.43
CA VAL A 2 6.99 6.45 -13.58
C VAL A 2 6.93 4.96 -13.50
N GLN A 3 8.00 4.26 -13.81
CA GLN A 3 8.06 2.84 -13.53
C GLN A 3 8.99 2.56 -12.35
N LEU A 4 8.72 1.52 -11.57
CA LEU A 4 9.52 1.23 -10.41
C LEU A 4 9.83 -0.24 -10.34
N GLN A 5 11.05 -0.58 -9.98
CA GLN A 5 11.45 -1.97 -9.96
C GLN A 5 12.34 -2.34 -8.79
N GLU A 6 11.89 -3.27 -7.99
CA GLU A 6 12.62 -3.66 -6.78
C GLU A 6 13.59 -4.85 -7.03
N SER A 7 14.74 -4.86 -6.38
CA SER A 7 15.60 -6.03 -6.50
C SER A 7 16.41 -6.15 -5.24
N GLY A 8 16.92 -7.36 -5.04
CA GLY A 8 17.81 -7.74 -3.95
C GLY A 8 17.60 -9.24 -3.65
N PRO A 9 18.26 -9.74 -2.59
CA PRO A 9 18.15 -11.19 -2.31
C PRO A 9 16.72 -11.64 -1.94
N SER A 10 16.38 -12.88 -2.32
CA SER A 10 15.03 -13.43 -2.08
C SER A 10 15.07 -14.13 -0.73
N LEU A 11 16.28 -14.34 -0.22
CA LEU A 11 16.49 -15.03 1.07
C LEU A 11 17.61 -14.39 1.95
N VAL A 12 17.40 -14.36 3.25
CA VAL A 12 18.29 -13.68 4.19
C VAL A 12 18.19 -14.48 5.50
N LYS A 13 19.31 -14.53 6.22
CA LYS A 13 19.44 -15.32 7.45
C LYS A 13 19.13 -14.36 8.61
N PRO A 14 18.51 -14.90 9.69
CA PRO A 14 18.12 -14.07 10.86
C PRO A 14 19.31 -13.26 11.40
N SER A 15 19.02 -12.11 12.01
CA SER A 15 20.02 -11.14 12.50
C SER A 15 20.84 -10.46 11.39
N GLN A 16 20.68 -10.89 10.14
CA GLN A 16 21.41 -10.24 9.03
C GLN A 16 20.71 -8.93 8.66
N THR A 17 21.29 -8.25 7.68
CA THR A 17 20.78 -7.02 7.13
C THR A 17 20.16 -7.28 5.80
N LEU A 18 18.95 -6.79 5.64
CA LEU A 18 18.30 -6.81 4.35
C LEU A 18 18.52 -5.52 3.60
N SER A 19 18.99 -5.66 2.35
CA SER A 19 19.27 -4.54 1.45
C SER A 19 18.53 -4.69 0.12
N LEU A 20 17.61 -3.77 -0.16
CA LEU A 20 16.88 -3.76 -1.43
C LEU A 20 17.10 -2.44 -2.14
N THR A 21 16.93 -2.49 -3.46
CA THR A 21 17.08 -1.36 -4.35
C THR A 21 15.79 -1.21 -5.16
N CYS A 22 15.35 0.03 -5.24
CA CYS A 22 14.28 0.42 -6.09
C CYS A 22 14.89 1.26 -7.23
N SER A 23 14.78 0.78 -8.48
CA SER A 23 15.25 1.48 -9.70
C SER A 23 14.13 2.25 -10.31
N VAL A 24 14.23 3.55 -10.32
CA VAL A 24 13.24 4.42 -10.85
C VAL A 24 13.56 4.75 -12.31
N THR A 25 12.58 4.55 -13.19
CA THR A 25 12.69 4.94 -14.57
C THR A 25 11.44 5.67 -14.99
N GLY A 26 11.49 6.31 -16.14
CA GLY A 26 10.37 7.05 -16.64
C GLY A 26 10.64 8.53 -16.55
N ASP A 27 9.60 9.33 -16.66
CA ASP A 27 9.69 10.77 -16.64
C ASP A 27 10.35 11.33 -15.39
N SER A 28 11.07 12.44 -15.53
CA SER A 28 11.58 13.21 -14.41
C SER A 28 10.46 13.74 -13.52
N VAL A 29 10.76 14.00 -12.25
CA VAL A 29 9.83 14.52 -11.31
C VAL A 29 10.38 15.72 -10.57
N THR A 30 9.54 16.64 -10.17
CA THR A 30 10.00 17.78 -9.39
C THR A 30 9.58 17.78 -7.92
N SER A 31 9.01 16.70 -7.44
CA SER A 31 8.63 16.55 -6.05
C SER A 31 8.13 15.15 -5.74
N GLY A 32 7.68 14.96 -4.52
CA GLY A 32 7.12 13.66 -4.12
C GLY A 32 7.96 12.82 -3.19
N TYR A 33 7.49 11.57 -3.00
CA TYR A 33 7.98 10.66 -1.94
C TYR A 33 8.12 9.29 -2.53
N TRP A 34 9.22 8.62 -2.21
CA TRP A 34 9.40 7.17 -2.58
C TRP A 34 9.24 6.43 -1.28
N SER A 35 8.21 5.57 -1.21
CA SER A 35 7.86 4.90 0.03
C SER A 35 8.17 3.40 -0.08
N TRP A 36 8.60 2.74 1.00
CA TRP A 36 8.66 1.26 0.99
C TRP A 36 7.46 0.71 1.76
N ILE A 37 6.74 -0.22 1.14
CA ILE A 37 5.56 -0.77 1.72
C ILE A 37 5.75 -2.29 1.59
N ARG A 38 5.48 -3.06 2.62
CA ARG A 38 5.60 -4.50 2.47
C ARG A 38 4.30 -5.23 2.80
N GLN A 39 4.12 -6.41 2.20
CA GLN A 39 2.96 -7.23 2.33
C GLN A 39 3.32 -8.60 2.81
N PHE A 40 2.85 -8.89 4.01
CA PHE A 40 3.04 -10.14 4.66
C PHE A 40 2.24 -11.23 4.02
N PRO A 41 2.72 -12.53 4.32
CA PRO A 41 1.86 -13.62 3.86
C PRO A 41 0.52 -13.47 4.47
N GLY A 42 -0.54 -13.71 3.73
CA GLY A 42 -1.87 -13.47 4.24
C GLY A 42 -2.34 -12.06 3.97
N ASN A 43 -1.44 -11.24 3.47
CA ASN A 43 -1.78 -10.05 2.72
C ASN A 43 -1.87 -8.72 3.46
N LYS A 44 -1.51 -8.70 4.71
CA LYS A 44 -1.47 -7.46 5.45
C LYS A 44 -0.35 -6.54 4.91
N LEU A 45 -0.71 -5.30 4.65
CA LEU A 45 0.22 -4.31 4.15
C LEU A 45 0.68 -3.44 5.32
N ASP A 46 1.96 -3.06 5.22
CA ASP A 46 2.73 -2.45 6.31
C ASP A 46 3.56 -1.29 5.71
N TYR A 47 3.24 -0.08 6.16
CA TYR A 47 3.92 1.09 5.66
C TYR A 47 5.24 1.30 6.39
N MET A 48 6.38 1.16 5.67
CA MET A 48 7.70 1.22 6.35
C MET A 48 8.20 2.65 6.55
N GLY A 49 8.12 3.42 5.48
CA GLY A 49 8.69 4.76 5.44
C GLY A 49 8.88 5.30 4.04
N TYR A 50 9.36 6.54 4.00
CA TYR A 50 9.62 7.24 2.77
C TYR A 50 10.94 8.02 2.79
N ILE A 51 11.43 8.34 1.60
CA ILE A 51 12.37 9.43 1.36
C ILE A 51 11.73 10.38 0.35
N SER A 52 11.74 11.67 0.71
CA SER A 52 11.15 12.64 -0.14
C SER A 52 12.14 13.10 -1.26
N TYR A 53 11.58 13.92 -2.12
CA TYR A 53 12.34 14.64 -3.15
C TYR A 53 13.45 15.51 -2.55
N ARG A 54 13.27 15.95 -1.31
CA ARG A 54 14.36 16.66 -0.61
C ARG A 54 15.15 15.80 0.31
N GLY A 55 15.08 14.51 0.14
CA GLY A 55 15.80 13.63 1.02
C GLY A 55 15.34 13.64 2.47
N SER A 56 14.16 14.17 2.80
CA SER A 56 13.63 13.96 4.13
C SER A 56 13.01 12.58 4.28
N THR A 57 13.23 11.96 5.41
CA THR A 57 12.73 10.64 5.65
C THR A 57 11.66 10.60 6.77
N TYR A 58 10.80 9.60 6.73
CA TYR A 58 9.91 9.23 7.83
C TYR A 58 9.99 7.71 7.97
N TYR A 59 10.10 7.24 9.20
CA TYR A 59 10.19 5.77 9.41
C TYR A 59 9.05 5.32 10.36
N ASN A 60 8.40 4.22 10.03
CA ASN A 60 7.41 3.63 10.94
C ASN A 60 8.06 3.41 12.30
N PRO A 61 7.41 3.89 13.37
CA PRO A 61 7.97 3.75 14.72
C PRO A 61 8.37 2.30 15.02
N SER A 62 7.61 1.37 14.47
CA SER A 62 7.84 -0.06 14.65
C SER A 62 9.17 -0.59 14.12
N LEU A 63 9.84 0.20 13.31
CA LEU A 63 11.03 -0.24 12.61
C LEU A 63 12.21 0.63 12.95
N LYS A 64 11.92 1.80 13.47
CA LYS A 64 12.91 2.77 13.80
C LYS A 64 14.10 2.14 14.50
N SER A 65 15.25 2.67 14.17
CA SER A 65 16.49 2.11 14.63
C SER A 65 16.94 0.87 13.86
N ARG A 66 16.06 0.25 13.09
CA ARG A 66 16.48 -0.85 12.22
C ARG A 66 16.52 -0.45 10.75
N ILE A 67 15.80 0.60 10.41
CA ILE A 67 15.54 0.91 9.04
C ILE A 67 16.21 2.14 8.59
N SER A 68 16.62 2.15 7.34
CA SER A 68 17.06 3.36 6.70
C SER A 68 16.75 3.38 5.26
N ILE A 69 16.32 4.52 4.81
CA ILE A 69 15.95 4.69 3.44
C ILE A 69 16.83 5.77 2.89
N THR A 70 17.53 5.48 1.81
CA THR A 70 18.49 6.38 1.22
C THR A 70 18.25 6.51 -0.27
N ARG A 71 18.98 7.43 -0.92
CA ARG A 71 18.82 7.71 -2.36
C ARG A 71 20.19 7.78 -3.03
N ASP A 72 20.29 7.21 -4.23
CA ASP A 72 21.40 7.58 -5.16
C ASP A 72 20.75 8.19 -6.39
N THR A 73 20.62 9.52 -6.36
CA THR A 73 19.93 10.22 -7.42
C THR A 73 20.68 10.11 -8.79
N SER A 74 22.02 10.20 -8.79
CA SER A 74 22.81 9.94 -9.99
C SER A 74 22.44 8.61 -10.70
N LYS A 75 22.03 7.62 -9.92
CA LYS A 75 21.64 6.31 -10.45
C LYS A 75 20.12 6.08 -10.49
N ASN A 76 19.37 7.15 -10.18
CA ASN A 76 17.90 7.10 -9.98
C ASN A 76 17.43 5.90 -9.20
N GLN A 77 18.00 5.74 -8.01
CA GLN A 77 17.68 4.59 -7.19
C GLN A 77 17.29 5.03 -5.80
N VAL A 78 16.52 4.18 -5.14
CA VAL A 78 16.18 4.40 -3.77
C VAL A 78 16.45 3.06 -3.10
N TYR A 79 16.91 3.13 -1.86
CA TYR A 79 17.36 1.93 -1.20
C TYR A 79 16.58 1.73 0.07
N LEU A 80 16.45 0.47 0.45
CA LEU A 80 15.98 0.08 1.74
C LEU A 80 17.04 -0.77 2.43
N GLN A 81 17.36 -0.40 3.66
CA GLN A 81 18.13 -1.20 4.55
C GLN A 81 17.42 -1.49 5.87
N LEU A 82 17.29 -2.75 6.23
CA LEU A 82 16.64 -3.08 7.51
C LEU A 82 17.53 -4.03 8.29
N LYS A 83 18.03 -3.61 9.44
CA LYS A 83 19.02 -4.49 10.10
C LYS A 83 18.36 -5.51 10.98
N SER A 84 19.04 -6.78 11.55
CA SER A 84 18.59 -7.63 12.63
C SER A 84 17.25 -8.17 12.20
N VAL A 85 17.29 -8.83 10.71
CA VAL A 85 15.93 -9.32 10.38
C VAL A 85 15.57 -10.57 11.18
N SER A 86 14.27 -10.85 11.26
CA SER A 86 13.72 -12.10 11.80
C SER A 86 12.71 -12.68 10.81
N SER A 87 12.20 -13.89 11.07
CA SER A 87 11.12 -14.44 10.26
C SER A 87 9.88 -13.51 10.16
N GLU A 88 9.72 -12.60 11.12
CA GLU A 88 8.66 -11.58 11.02
C GLU A 88 8.83 -10.62 9.83
N ASP A 89 10.03 -10.52 9.30
CA ASP A 89 10.25 -9.66 8.17
C ASP A 89 10.08 -10.34 6.84
N THR A 90 9.64 -11.60 6.84
CA THR A 90 9.35 -12.24 5.55
C THR A 90 8.14 -11.56 4.92
N ALA A 91 8.28 -11.10 3.67
CA ALA A 91 7.21 -10.36 2.94
C ALA A 91 7.60 -10.12 1.50
N THR A 92 6.69 -9.54 0.74
CA THR A 92 6.95 -8.97 -0.56
C THR A 92 7.06 -7.51 -0.32
N TYR A 93 8.13 -6.93 -0.85
CA TYR A 93 8.49 -5.54 -0.67
C TYR A 93 8.24 -4.73 -1.96
N TYR A 94 7.57 -3.60 -1.81
CA TYR A 94 7.23 -2.77 -2.91
C TYR A 94 7.80 -1.39 -2.70
N CYS A 95 8.25 -0.73 -3.78
CA CYS A 95 8.56 0.69 -3.64
C CYS A 95 7.53 1.34 -4.47
N THR A 96 7.20 2.55 -4.09
CA THR A 96 6.08 3.24 -4.67
C THR A 96 6.43 4.69 -4.75
N TYR A 97 5.75 5.42 -5.63
CA TYR A 97 5.97 6.87 -5.78
C TYR A 97 4.66 7.62 -5.65
N PHE A 98 4.61 8.79 -4.99
CA PHE A 98 3.39 9.55 -4.76
C PHE A 98 3.72 11.01 -4.68
N ASP A 99 2.88 11.81 -5.29
CA ASP A 99 3.14 13.26 -5.20
C ASP A 99 1.85 13.86 -4.67
N SER A 100 1.93 14.50 -3.50
CA SER A 100 0.72 15.13 -2.86
C SER A 100 0.16 16.35 -3.52
N ASP A 101 0.82 16.85 -4.55
CA ASP A 101 0.20 17.84 -5.40
C ASP A 101 -0.84 17.15 -6.27
N ASP A 102 -0.76 15.83 -6.35
CA ASP A 102 -1.74 15.05 -7.05
C ASP A 102 -2.24 13.75 -6.41
N TYR A 103 -3.33 13.87 -5.69
CA TYR A 103 -3.88 12.81 -4.90
C TYR A 103 -4.36 11.60 -5.67
N ALA A 104 -4.61 11.78 -6.96
CA ALA A 104 -5.28 10.80 -7.80
C ALA A 104 -4.37 9.72 -8.36
N MET A 105 -3.06 9.86 -8.25
CA MET A 105 -2.12 8.89 -8.79
C MET A 105 -1.10 8.34 -7.80
N GLU A 106 -0.78 7.08 -7.90
CA GLU A 106 0.24 6.47 -7.09
C GLU A 106 0.77 5.30 -7.86
N TYR A 107 2.07 5.15 -7.89
CA TYR A 107 2.72 4.14 -8.72
C TYR A 107 3.39 3.11 -7.85
N TRP A 108 3.30 1.83 -8.21
CA TRP A 108 3.82 0.76 -7.42
C TRP A 108 4.75 -0.10 -8.23
N GLY A 109 5.88 -0.48 -7.68
CA GLY A 109 6.65 -1.50 -8.38
C GLY A 109 6.00 -2.86 -8.49
N GLN A 110 6.72 -3.79 -9.10
CA GLN A 110 6.22 -5.14 -9.29
C GLN A 110 6.27 -5.87 -7.95
N GLY A 111 7.20 -5.48 -7.07
CA GLY A 111 7.33 -6.10 -5.71
C GLY A 111 8.35 -7.24 -5.71
N THR A 112 9.15 -7.38 -4.66
CA THR A 112 10.10 -8.47 -4.60
C THR A 112 9.91 -9.27 -3.30
N SER A 113 9.96 -10.59 -3.43
CA SER A 113 9.73 -11.36 -2.21
C SER A 113 11.01 -11.63 -1.45
N VAL A 114 10.92 -11.57 -0.14
CA VAL A 114 12.06 -11.80 0.73
C VAL A 114 11.58 -12.72 1.82
N THR A 115 12.30 -13.79 2.01
CA THR A 115 12.07 -14.70 3.09
C THR A 115 13.22 -14.74 4.08
N VAL A 116 12.90 -14.77 5.37
CA VAL A 116 13.86 -14.95 6.43
C VAL A 116 13.68 -16.28 7.13
N SER A 117 14.70 -17.13 7.09
CA SER A 117 14.59 -18.52 7.58
C SER A 117 13.56 -18.87 8.67
N GLY A 129 11.23 2.14 19.92
CA GLY A 129 10.27 2.89 19.14
C GLY A 129 9.27 3.74 19.92
N GLY A 130 8.02 3.38 19.86
CA GLY A 130 7.04 4.04 20.70
C GLY A 130 6.24 4.90 19.81
N GLY A 131 4.95 4.64 19.80
CA GLY A 131 4.08 5.26 18.85
C GLY A 131 2.65 4.78 18.90
N SER A 132 1.89 5.21 17.91
CA SER A 132 0.46 5.00 17.89
C SER A 132 -0.02 5.01 16.47
N GLN A 133 -1.13 4.33 16.24
CA GLN A 133 -1.54 4.00 14.92
C GLN A 133 -3.03 3.81 14.87
N ILE A 134 -3.62 4.22 13.77
CA ILE A 134 -5.01 3.99 13.54
C ILE A 134 -5.21 2.61 12.93
N VAL A 135 -6.08 1.83 13.50
CA VAL A 135 -6.34 0.45 13.02
C VAL A 135 -7.56 0.52 12.08
N LEU A 136 -7.43 -0.13 10.96
CA LEU A 136 -8.44 -0.09 9.92
C LEU A 136 -9.02 -1.50 9.81
N THR A 137 -10.31 -1.60 10.06
CA THR A 137 -10.96 -2.87 10.12
C THR A 137 -11.90 -3.08 8.95
N GLN A 138 -11.65 -4.17 8.28
CA GLN A 138 -12.46 -4.57 7.19
C GLN A 138 -13.10 -5.91 7.43
N SER A 139 -14.41 -5.90 7.57
CA SER A 139 -15.19 -7.10 7.81
C SER A 139 -16.35 -7.22 6.81
N PRO A 140 -16.66 -8.40 6.28
CA PRO A 140 -16.01 -9.69 6.51
C PRO A 140 -14.69 -9.81 5.75
N ALA A 141 -13.79 -10.67 6.22
CA ALA A 141 -12.48 -10.92 5.61
C ALA A 141 -12.60 -11.50 4.16
N ILE A 142 -13.68 -12.22 3.94
CA ILE A 142 -13.98 -12.90 2.70
C ILE A 142 -15.46 -12.85 2.41
N MET A 143 -15.81 -12.70 1.13
CA MET A 143 -17.20 -12.61 0.72
C MET A 143 -17.38 -13.07 -0.72
N SER A 144 -18.52 -13.70 -0.99
CA SER A 144 -18.84 -14.18 -2.34
C SER A 144 -20.19 -13.64 -2.80
N ALA A 145 -20.22 -13.07 -4.00
CA ALA A 145 -21.42 -12.52 -4.52
C ALA A 145 -21.64 -12.99 -5.91
N SER A 146 -22.89 -13.00 -6.33
CA SER A 146 -23.16 -13.36 -7.70
C SER A 146 -23.03 -12.19 -8.65
N PRO A 147 -22.66 -12.49 -9.89
CA PRO A 147 -22.64 -11.50 -10.97
C PRO A 147 -23.92 -10.69 -10.93
N GLY A 148 -23.82 -9.37 -10.92
CA GLY A 148 -25.03 -8.59 -11.01
C GLY A 148 -25.50 -8.10 -9.67
N GLU A 149 -25.01 -8.70 -8.56
CA GLU A 149 -25.33 -8.17 -7.26
C GLU A 149 -24.74 -6.82 -6.97
N LYS A 150 -25.46 -5.97 -6.26
CA LYS A 150 -24.83 -4.78 -5.73
C LYS A 150 -24.05 -5.16 -4.47
N VAL A 151 -22.76 -4.83 -4.47
CA VAL A 151 -21.83 -5.19 -3.42
C VAL A 151 -21.38 -3.94 -2.63
N THR A 152 -21.31 -4.10 -1.30
CA THR A 152 -20.86 -3.01 -0.38
C THR A 152 -19.76 -3.56 0.54
N LEU A 153 -18.56 -2.95 0.46
CA LEU A 153 -17.42 -3.37 1.32
C LEU A 153 -17.23 -2.20 2.29
N THR A 154 -16.81 -2.48 3.53
CA THR A 154 -16.75 -1.43 4.55
C THR A 154 -15.36 -1.41 5.18
N CYS A 155 -15.09 -0.27 5.79
CA CYS A 155 -13.79 -0.03 6.39
C CYS A 155 -14.12 0.80 7.61
N SER A 156 -13.81 0.27 8.80
CA SER A 156 -14.07 1.06 9.99
C SER A 156 -12.75 1.42 10.62
N ALA A 157 -12.53 2.71 10.82
CA ALA A 157 -11.24 3.17 11.41
C ALA A 157 -11.38 3.29 12.92
N SER A 158 -10.35 2.90 13.70
CA SER A 158 -10.44 2.89 15.16
C SER A 158 -10.41 4.32 15.68
N SER A 159 -9.97 5.24 14.89
CA SER A 159 -10.01 6.64 15.26
C SER A 159 -10.24 7.45 14.02
N SER A 160 -10.64 8.68 14.18
CA SER A 160 -11.04 9.49 13.05
C SER A 160 -9.99 9.75 11.95
N VAL A 161 -10.44 9.85 10.73
CA VAL A 161 -9.60 9.96 9.57
C VAL A 161 -10.17 11.03 8.64
N SER A 162 -9.32 11.86 8.05
CA SER A 162 -9.79 12.84 7.13
C SER A 162 -10.17 12.14 5.84
N SER A 163 -11.34 12.50 5.31
CA SER A 163 -11.98 11.80 4.23
C SER A 163 -11.16 11.98 2.98
N SER A 164 -10.39 13.08 2.93
CA SER A 164 -9.45 13.29 1.78
C SER A 164 -8.31 12.26 1.74
N HIS A 165 -8.05 11.58 2.85
CA HIS A 165 -6.88 10.70 2.98
C HIS A 165 -7.29 9.25 3.24
N LEU A 166 -8.56 8.95 3.00
CA LEU A 166 -9.05 7.56 2.99
C LEU A 166 -9.10 7.06 1.55
N TYR A 167 -8.36 5.96 1.28
CA TYR A 167 -8.05 5.48 -0.07
C TYR A 167 -8.35 4.00 -0.17
N TRP A 168 -8.71 3.52 -1.35
CA TRP A 168 -8.88 2.09 -1.60
C TRP A 168 -8.01 1.56 -2.70
N TYR A 169 -7.64 0.28 -2.51
CA TYR A 169 -6.78 -0.46 -3.42
C TYR A 169 -7.36 -1.80 -3.79
N GLN A 170 -7.19 -2.18 -5.03
CA GLN A 170 -7.58 -3.47 -5.49
C GLN A 170 -6.32 -4.23 -5.74
N GLN A 171 -6.32 -5.51 -5.46
CA GLN A 171 -5.21 -6.38 -5.81
C GLN A 171 -5.65 -7.76 -6.24
N LYS A 172 -5.00 -8.28 -7.23
CA LYS A 172 -5.33 -9.59 -7.75
C LYS A 172 -4.14 -10.48 -7.59
N PRO A 173 -4.34 -11.77 -7.50
CA PRO A 173 -3.16 -12.65 -7.25
C PRO A 173 -2.06 -12.44 -8.25
N GLY A 174 -0.80 -12.50 -7.78
CA GLY A 174 0.42 -12.28 -8.58
C GLY A 174 0.71 -10.88 -9.06
N SER A 175 0.06 -9.87 -8.46
CA SER A 175 0.36 -8.54 -8.90
C SER A 175 0.22 -7.51 -7.78
N SER A 176 0.74 -6.32 -8.00
CA SER A 176 0.74 -5.33 -6.91
C SER A 176 -0.64 -4.67 -6.72
N PRO A 177 -0.90 -4.09 -5.48
CA PRO A 177 -2.12 -3.27 -5.27
C PRO A 177 -2.14 -2.19 -6.32
N LYS A 178 -3.33 -1.77 -6.70
CA LYS A 178 -3.56 -0.70 -7.63
C LYS A 178 -4.47 0.32 -6.97
N LEU A 179 -4.14 1.61 -7.07
CA LEU A 179 -4.98 2.66 -6.52
C LEU A 179 -6.35 2.58 -7.16
N TRP A 180 -7.37 2.43 -6.35
CA TRP A 180 -8.75 2.25 -6.84
C TRP A 180 -9.67 3.48 -6.56
N ILE A 181 -9.74 3.93 -5.32
CA ILE A 181 -10.48 5.13 -4.98
C ILE A 181 -9.54 6.03 -4.19
N TYR A 182 -9.62 7.33 -4.38
CA TYR A 182 -8.88 8.26 -3.60
C TYR A 182 -9.80 9.32 -3.05
N SER A 183 -9.41 9.81 -1.89
CA SER A 183 -10.17 10.73 -1.11
C SER A 183 -11.64 10.33 -0.95
N THR A 184 -11.85 9.10 -0.46
CA THR A 184 -13.12 8.47 -0.16
C THR A 184 -13.98 8.06 -1.38
N SER A 185 -14.09 8.96 -2.35
CA SER A 185 -15.11 8.87 -3.37
C SER A 185 -14.67 9.09 -4.82
N ASN A 186 -13.42 9.36 -5.05
CA ASN A 186 -12.95 9.57 -6.38
C ASN A 186 -12.34 8.33 -6.97
N LEU A 187 -12.81 7.95 -8.16
CA LEU A 187 -12.32 6.76 -8.82
C LEU A 187 -11.04 7.19 -9.48
N ALA A 188 -10.06 6.34 -9.33
CA ALA A 188 -8.77 6.49 -9.93
C ALA A 188 -8.90 6.11 -11.39
N SER A 189 -7.87 6.45 -12.18
CA SER A 189 -7.74 6.06 -13.58
C SER A 189 -7.74 4.55 -13.72
N GLY A 190 -8.42 4.03 -14.75
CA GLY A 190 -8.46 2.58 -14.93
C GLY A 190 -9.68 1.95 -14.23
N VAL A 191 -10.47 2.73 -13.49
CA VAL A 191 -11.47 2.06 -12.61
C VAL A 191 -12.84 2.25 -13.24
N PRO A 192 -13.53 1.15 -13.54
CA PRO A 192 -14.92 1.31 -14.05
C PRO A 192 -15.89 2.13 -13.17
N ALA A 193 -16.75 2.95 -13.79
CA ALA A 193 -17.62 3.85 -13.06
C ALA A 193 -18.76 3.10 -12.33
N ARG A 194 -18.86 1.76 -12.46
CA ARG A 194 -19.70 1.02 -11.53
C ARG A 194 -19.25 1.06 -10.06
N PHE A 195 -18.00 1.46 -9.83
CA PHE A 195 -17.50 1.66 -8.49
C PHE A 195 -17.88 3.02 -7.89
N SER A 196 -18.01 3.07 -6.58
CA SER A 196 -18.23 4.31 -5.85
C SER A 196 -17.78 4.09 -4.43
N GLY A 197 -17.64 5.16 -3.69
CA GLY A 197 -17.15 5.07 -2.31
C GLY A 197 -17.85 6.18 -1.56
N SER A 198 -18.11 6.02 -0.26
CA SER A 198 -18.58 7.17 0.54
C SER A 198 -18.20 6.87 1.96
N GLY A 199 -18.39 7.89 2.80
CA GLY A 199 -18.13 7.77 4.22
C GLY A 199 -17.44 8.98 4.84
N SER A 200 -17.23 8.91 6.14
CA SER A 200 -16.71 10.07 6.84
C SER A 200 -16.31 9.63 8.23
N GLY A 201 -15.38 10.37 8.84
CA GLY A 201 -15.06 10.10 10.26
C GLY A 201 -14.34 8.76 10.40
N THR A 202 -15.05 7.76 10.92
CA THR A 202 -14.44 6.48 11.16
C THR A 202 -15.15 5.42 10.36
N SER A 203 -16.04 5.80 9.44
CA SER A 203 -16.90 4.85 8.75
C SER A 203 -17.01 5.03 7.23
N TYR A 204 -16.47 4.05 6.47
CA TYR A 204 -16.28 4.22 5.01
C TYR A 204 -16.73 2.95 4.30
N SER A 205 -17.17 3.08 3.05
CA SER A 205 -17.64 1.99 2.25
C SER A 205 -17.20 2.25 0.78
N LEU A 206 -17.11 1.14 0.05
CA LEU A 206 -16.87 1.02 -1.36
C LEU A 206 -18.04 0.16 -1.93
N THR A 207 -18.55 0.56 -3.09
CA THR A 207 -19.75 -0.05 -3.62
C THR A 207 -19.50 -0.38 -5.09
N ILE A 208 -19.90 -1.58 -5.52
CA ILE A 208 -20.02 -1.90 -6.92
C ILE A 208 -21.50 -1.99 -7.29
N SER A 209 -21.97 -1.20 -8.26
CA SER A 209 -23.42 -1.15 -8.49
C SER A 209 -23.86 -2.52 -8.97
N SER A 210 -22.98 -3.14 -9.72
CA SER A 210 -23.28 -4.41 -10.35
C SER A 210 -22.04 -5.22 -10.51
N MET A 211 -21.92 -6.27 -9.72
CA MET A 211 -20.70 -7.10 -9.63
C MET A 211 -20.42 -7.78 -10.97
N GLU A 212 -19.18 -7.69 -11.52
CA GLU A 212 -18.81 -8.47 -12.72
C GLU A 212 -17.71 -9.42 -12.30
N ALA A 213 -17.52 -10.47 -13.08
CA ALA A 213 -16.46 -11.43 -12.88
C ALA A 213 -15.10 -10.77 -12.68
N GLU A 214 -14.71 -9.81 -13.51
CA GLU A 214 -13.45 -9.06 -13.33
C GLU A 214 -13.28 -8.26 -12.01
N ASP A 215 -14.34 -8.16 -11.20
CA ASP A 215 -14.25 -7.41 -9.93
C ASP A 215 -13.79 -8.28 -8.79
N ALA A 216 -13.74 -9.61 -9.01
CA ALA A 216 -13.24 -10.51 -7.96
C ALA A 216 -11.77 -10.25 -7.73
N ALA A 217 -11.45 -9.92 -6.47
CA ALA A 217 -10.12 -9.48 -6.09
C ALA A 217 -10.13 -9.13 -4.61
N SER A 218 -8.98 -8.81 -4.04
CA SER A 218 -8.94 -8.28 -2.69
C SER A 218 -8.99 -6.74 -2.77
N TYR A 219 -9.69 -6.12 -1.84
CA TYR A 219 -9.76 -4.67 -1.67
C TYR A 219 -9.24 -4.24 -0.31
N PHE A 220 -8.32 -3.23 -0.29
CA PHE A 220 -7.77 -2.80 0.98
C PHE A 220 -8.08 -1.32 1.15
N CYS A 221 -8.34 -0.92 2.37
CA CYS A 221 -8.56 0.51 2.60
C CYS A 221 -7.31 1.00 3.25
N HIS A 222 -7.14 2.32 3.38
CA HIS A 222 -5.83 2.85 3.70
C HIS A 222 -6.05 4.25 4.16
N GLN A 223 -5.33 4.68 5.20
CA GLN A 223 -5.41 6.11 5.64
C GLN A 223 -3.99 6.59 5.74
N TRP A 224 -3.80 7.83 5.31
CA TRP A 224 -2.53 8.49 5.44
C TRP A 224 -2.77 9.89 6.05
N SER A 225 -3.86 9.95 6.82
CA SER A 225 -4.22 11.07 7.68
C SER A 225 -3.32 11.21 8.94
N SER A 226 -2.84 10.08 9.44
CA SER A 226 -2.04 9.99 10.68
C SER A 226 -0.88 9.06 10.45
N PHE A 227 0.23 9.41 11.11
CA PHE A 227 1.46 8.69 10.98
C PHE A 227 1.63 7.65 12.06
N PRO A 228 2.05 6.43 11.73
CA PRO A 228 2.35 5.85 10.41
C PRO A 228 1.06 5.63 9.60
N PHE A 229 1.09 5.82 8.30
CA PHE A 229 -0.06 5.47 7.49
C PHE A 229 -0.34 3.97 7.65
N THR A 230 -1.61 3.53 7.58
CA THR A 230 -1.91 2.11 7.79
C THR A 230 -2.83 1.60 6.73
N PHE A 231 -2.94 0.28 6.63
CA PHE A 231 -3.86 -0.36 5.67
C PHE A 231 -4.84 -1.26 6.43
N GLY A 232 -6.08 -1.47 5.95
CA GLY A 232 -6.95 -2.52 6.50
C GLY A 232 -6.40 -3.90 6.06
N SER A 233 -6.89 -4.97 6.64
CA SER A 233 -6.41 -6.32 6.27
C SER A 233 -7.15 -6.88 5.09
N GLY A 234 -8.05 -6.09 4.49
CA GLY A 234 -8.64 -6.44 3.20
C GLY A 234 -9.93 -7.24 3.25
N THR A 235 -10.74 -7.13 2.20
CA THR A 235 -11.87 -8.07 1.99
C THR A 235 -11.59 -8.74 0.68
N LYS A 236 -11.52 -10.08 0.73
CA LYS A 236 -11.35 -10.85 -0.51
C LYS A 236 -12.80 -11.07 -1.05
N LEU A 237 -13.02 -10.51 -2.23
CA LEU A 237 -14.27 -10.59 -2.90
C LEU A 237 -14.25 -11.65 -3.98
N GLU A 238 -15.01 -12.72 -3.78
CA GLU A 238 -15.07 -13.80 -4.75
C GLU A 238 -16.40 -13.82 -5.49
N ILE A 239 -16.44 -14.50 -6.63
CA ILE A 239 -17.65 -14.60 -7.44
C ILE A 239 -18.38 -15.92 -7.18
N LYS A 240 -19.67 -16.08 -6.87
CA LYS A 240 -20.42 -17.29 -6.61
C LYS A 240 -20.55 -18.07 -7.89
#